data_1JD8
#
_entry.id   1JD8
#
_entity_poly.entity_id   1
_entity_poly.type   'polypeptide(L)'
_entity_poly.pdbx_seq_one_letter_code
;(ACE)IWG(DPP)SGKLIDTTA
;
_entity_poly.pdbx_strand_id   A
#
# COMPACT_ATOMS: atom_id res chain seq x y z
N ILE A 2 -0.29 5.88 9.26
CA ILE A 2 -0.87 6.16 7.91
C ILE A 2 0.19 5.94 6.79
N TRP A 3 -0.24 5.34 5.66
CA TRP A 3 0.65 5.01 4.52
C TRP A 3 -0.05 5.35 3.17
N GLY A 4 0.71 5.95 2.23
CA GLY A 4 0.18 6.31 0.89
C GLY A 4 -0.03 5.11 -0.05
N SER A 6 0.38 3.36 -3.33
CA SER A 6 1.25 3.39 -4.54
C SER A 6 2.02 2.04 -4.59
N GLY A 7 1.76 1.21 -5.62
CA GLY A 7 2.46 -0.08 -5.77
C GLY A 7 1.94 -0.85 -7.00
N LYS A 8 1.17 -1.91 -6.77
CA LYS A 8 0.59 -2.76 -7.86
C LYS A 8 -0.65 -3.50 -7.30
N LEU A 9 -0.48 -4.66 -6.63
CA LEU A 9 -1.59 -5.46 -6.05
C LEU A 9 -2.06 -4.90 -4.66
N ILE A 10 -1.15 -4.58 -3.70
CA ILE A 10 -1.53 -4.03 -2.37
C ILE A 10 -1.34 -2.48 -2.37
N ASP A 11 -2.25 -1.77 -1.70
CA ASP A 11 -2.20 -0.29 -1.60
C ASP A 11 -1.22 0.20 -0.47
N THR A 12 -1.44 -0.21 0.79
CA THR A 12 -0.62 0.22 1.97
C THR A 12 0.92 -0.06 1.82
N THR A 13 1.71 1.03 1.93
CA THR A 13 3.20 0.97 1.83
C THR A 13 3.81 1.02 3.27
N ALA A 14 3.80 -0.14 3.96
CA ALA A 14 4.33 -0.27 5.34
C ALA A 14 5.81 -0.70 5.32
N ILE A 2 6.05 4.73 5.74
CA ILE A 2 5.15 5.86 5.35
C ILE A 2 3.77 5.35 4.81
N TRP A 3 2.70 6.10 5.11
CA TRP A 3 1.32 5.76 4.67
C TRP A 3 0.98 6.52 3.36
N GLY A 4 0.50 5.75 2.38
CA GLY A 4 0.12 6.26 1.04
C GLY A 4 -0.23 5.09 0.11
N SER A 6 0.09 3.34 -2.98
CA SER A 6 1.00 3.24 -4.16
C SER A 6 1.77 1.89 -4.03
N GLY A 7 1.59 1.01 -5.01
CA GLY A 7 2.27 -0.31 -5.02
C GLY A 7 1.88 -1.12 -6.26
N LYS A 8 0.88 -2.01 -6.11
CA LYS A 8 0.39 -2.87 -7.24
C LYS A 8 -1.10 -3.23 -6.96
N LEU A 9 -1.38 -4.29 -6.19
CA LEU A 9 -2.77 -4.74 -5.86
C LEU A 9 -3.27 -4.23 -4.47
N ILE A 10 -2.47 -4.29 -3.38
CA ILE A 10 -2.90 -3.82 -2.03
C ILE A 10 -2.49 -2.33 -1.81
N ASP A 11 -3.44 -1.53 -1.29
CA ASP A 11 -3.21 -0.08 -1.01
C ASP A 11 -2.51 0.23 0.36
N THR A 12 -2.84 -0.48 1.46
CA THR A 12 -2.25 -0.23 2.82
C THR A 12 -0.69 -0.42 2.87
N THR A 13 0.01 0.61 3.36
CA THR A 13 1.50 0.60 3.48
C THR A 13 1.83 1.01 4.95
N ALA A 14 2.14 0.01 5.79
CA ALA A 14 2.45 0.22 7.23
C ALA A 14 3.82 0.91 7.45
N ILE A 2 5.03 3.89 4.51
CA ILE A 2 3.83 4.74 4.23
C ILE A 2 2.50 4.04 4.67
N TRP A 3 1.68 4.75 5.45
CA TRP A 3 0.38 4.23 5.98
C TRP A 3 -0.83 4.50 5.04
N GLY A 4 -1.87 3.69 5.26
CA GLY A 4 -3.14 3.77 4.49
C GLY A 4 -3.13 2.97 3.17
N SER A 6 -1.70 3.25 -0.41
CA SER A 6 -0.72 3.93 -1.29
C SER A 6 0.39 2.90 -1.66
N GLY A 7 0.45 2.53 -2.95
CA GLY A 7 1.47 1.56 -3.42
C GLY A 7 1.38 1.39 -4.95
N LYS A 8 0.80 0.25 -5.40
CA LYS A 8 0.65 -0.03 -6.85
C LYS A 8 -0.44 -1.14 -7.04
N LEU A 9 -0.10 -2.43 -6.89
CA LEU A 9 -1.07 -3.55 -7.06
C LEU A 9 -1.98 -3.85 -5.83
N ILE A 10 -1.53 -3.60 -4.57
CA ILE A 10 -2.34 -3.85 -3.34
C ILE A 10 -2.44 -2.54 -2.51
N ASP A 11 -3.61 -2.32 -1.87
CA ASP A 11 -3.86 -1.14 -1.00
C ASP A 11 -3.18 -1.25 0.39
N THR A 12 -3.34 -2.37 1.14
CA THR A 12 -2.76 -2.56 2.51
C THR A 12 -1.21 -2.38 2.55
N THR A 13 -0.78 -1.26 3.15
CA THR A 13 0.65 -0.88 3.27
C THR A 13 0.82 -0.18 4.65
N ALA A 14 1.66 -0.78 5.51
CA ALA A 14 1.95 -0.25 6.87
C ALA A 14 3.25 0.59 6.84
N ILE A 2 3.82 5.65 3.51
CA ILE A 2 2.74 4.86 2.85
C ILE A 2 1.72 4.34 3.91
N TRP A 3 0.58 5.04 4.03
CA TRP A 3 -0.50 4.69 5.00
C TRP A 3 -1.88 4.63 4.30
N GLY A 4 -2.68 3.65 4.75
CA GLY A 4 -4.04 3.40 4.22
C GLY A 4 -4.00 2.51 2.96
N SER A 6 -1.97 3.00 -0.49
CA SER A 6 -0.98 3.74 -1.32
C SER A 6 0.28 2.85 -1.47
N GLY A 7 0.52 2.33 -2.68
CA GLY A 7 1.70 1.47 -2.94
C GLY A 7 1.88 1.23 -4.44
N LYS A 8 1.37 0.09 -4.94
CA LYS A 8 1.47 -0.27 -6.39
C LYS A 8 0.28 -1.20 -6.73
N LEU A 9 0.44 -2.54 -6.70
CA LEU A 9 -0.68 -3.51 -6.99
C LEU A 9 -1.54 -3.90 -5.74
N ILE A 10 -0.99 -3.89 -4.50
CA ILE A 10 -1.76 -4.25 -3.26
C ILE A 10 -2.04 -2.96 -2.43
N ASP A 11 -3.24 -2.92 -1.82
CA ASP A 11 -3.66 -1.76 -0.98
C ASP A 11 -3.06 -1.77 0.47
N THR A 12 -2.98 -2.93 1.19
CA THR A 12 -2.43 -3.01 2.58
C THR A 12 -0.97 -2.48 2.68
N THR A 13 -0.83 -1.25 3.22
CA THR A 13 0.47 -0.55 3.38
C THR A 13 0.35 0.35 4.64
N ALA A 14 1.14 0.03 5.67
CA ALA A 14 1.16 0.78 6.95
C ALA A 14 2.62 0.97 7.40
N ILE A 2 4.62 5.11 4.34
CA ILE A 2 3.31 5.68 3.89
C ILE A 2 2.14 4.82 4.47
N TRP A 3 1.51 5.33 5.54
CA TRP A 3 0.38 4.63 6.23
C TRP A 3 -0.97 5.01 5.56
N GLY A 4 -1.61 3.99 4.98
CA GLY A 4 -2.90 4.13 4.29
C GLY A 4 -3.03 3.15 3.11
N SER A 6 -1.47 3.22 -0.64
CA SER A 6 -0.58 3.82 -1.67
C SER A 6 0.61 2.86 -1.91
N GLY A 7 0.63 2.19 -3.08
CA GLY A 7 1.71 1.24 -3.41
C GLY A 7 1.71 0.93 -4.92
N LYS A 8 1.03 -0.17 -5.31
CA LYS A 8 0.95 -0.57 -6.74
C LYS A 8 -0.35 -1.42 -6.95
N LEU A 9 -0.30 -2.77 -6.83
CA LEU A 9 -1.50 -3.65 -6.99
C LEU A 9 -2.32 -3.91 -5.68
N ILE A 10 -1.71 -3.85 -4.47
CA ILE A 10 -2.42 -4.09 -3.18
C ILE A 10 -2.45 -2.80 -2.31
N ASP A 11 -3.58 -2.60 -1.60
CA ASP A 11 -3.76 -1.42 -0.70
C ASP A 11 -3.13 -1.54 0.73
N THR A 12 -2.86 -2.73 1.30
CA THR A 12 -2.27 -2.86 2.67
C THR A 12 -0.78 -2.40 2.66
N THR A 13 -0.55 -1.15 3.12
CA THR A 13 0.79 -0.51 3.16
C THR A 13 0.87 0.30 4.49
N ALA A 14 1.63 -0.22 5.46
CA ALA A 14 1.83 0.43 6.78
C ALA A 14 3.23 1.07 6.84
N ILE A 2 5.06 2.53 3.94
CA ILE A 2 4.27 3.81 4.05
C ILE A 2 2.79 3.49 4.45
N TRP A 3 2.22 4.34 5.32
CA TRP A 3 0.84 4.16 5.84
C TRP A 3 -0.30 4.65 4.89
N GLY A 4 -1.50 4.09 5.15
CA GLY A 4 -2.72 4.39 4.38
C GLY A 4 -2.88 3.52 3.12
N SER A 6 -1.59 3.49 -0.36
CA SER A 6 -0.54 4.03 -1.27
C SER A 6 0.57 2.96 -1.42
N GLY A 7 0.71 2.42 -2.65
CA GLY A 7 1.74 1.40 -2.94
C GLY A 7 1.87 1.21 -4.45
N LYS A 8 1.18 0.20 -5.01
CA LYS A 8 1.21 -0.09 -6.47
C LYS A 8 -0.06 -0.92 -6.85
N LEU A 9 -0.03 -2.27 -6.72
CA LEU A 9 -1.20 -3.14 -7.06
C LEU A 9 -2.26 -3.30 -5.92
N ILE A 10 -1.88 -3.24 -4.63
CA ILE A 10 -2.82 -3.39 -3.49
C ILE A 10 -2.82 -2.09 -2.61
N ASP A 11 -3.99 -1.76 -2.04
CA ASP A 11 -4.13 -0.58 -1.14
C ASP A 11 -3.50 -0.79 0.27
N THR A 12 -3.78 -1.90 0.97
CA THR A 12 -3.25 -2.20 2.34
C THR A 12 -1.69 -2.19 2.42
N THR A 13 -1.15 -1.13 3.06
CA THR A 13 0.31 -0.93 3.22
C THR A 13 0.51 -0.31 4.64
N ALA A 14 1.17 -1.07 5.52
CA ALA A 14 1.47 -0.64 6.91
C ALA A 14 2.88 -0.03 6.98
N ILE A 2 -2.33 6.58 2.06
CA ILE A 2 -1.92 5.18 2.37
C ILE A 2 -1.57 5.05 3.89
N TRP A 3 -2.20 4.10 4.59
CA TRP A 3 -1.99 3.89 6.05
C TRP A 3 -1.87 2.37 6.34
N GLY A 4 -0.68 1.94 6.81
CA GLY A 4 -0.40 0.52 7.12
C GLY A 4 -0.21 -0.35 5.87
N SER A 6 -1.80 -0.63 2.45
CA SER A 6 -2.68 0.05 1.47
C SER A 6 -1.82 0.49 0.25
N GLY A 7 -2.37 0.31 -0.95
CA GLY A 7 -1.67 0.68 -2.20
C GLY A 7 -2.39 0.08 -3.41
N LYS A 8 -1.91 -1.09 -3.86
CA LYS A 8 -2.51 -1.81 -5.02
C LYS A 8 -2.05 -3.30 -4.93
N LEU A 9 -0.91 -3.67 -5.55
CA LEU A 9 -0.38 -5.07 -5.50
C LEU A 9 0.47 -5.36 -4.21
N ILE A 10 1.31 -4.42 -3.71
CA ILE A 10 2.13 -4.63 -2.48
C ILE A 10 1.41 -3.96 -1.27
N ASP A 11 1.54 -4.58 -0.08
CA ASP A 11 0.93 -4.06 1.18
C ASP A 11 1.66 -2.79 1.71
N THR A 12 2.92 -2.90 2.17
CA THR A 12 3.70 -1.75 2.71
C THR A 12 4.15 -0.77 1.58
N THR A 13 3.76 0.51 1.74
CA THR A 13 4.10 1.58 0.76
C THR A 13 4.68 2.78 1.57
N ALA A 14 6.03 2.87 1.61
CA ALA A 14 6.73 3.96 2.35
C ALA A 14 6.87 5.25 1.50
N ILE A 2 -2.26 6.29 3.28
CA ILE A 2 -1.91 4.85 3.39
C ILE A 2 -1.77 4.46 4.90
N TRP A 3 -2.40 3.33 5.29
CA TRP A 3 -2.39 2.84 6.70
C TRP A 3 -2.14 1.32 6.68
N GLY A 4 -0.94 0.90 7.13
CA GLY A 4 -0.54 -0.53 7.17
C GLY A 4 -0.28 -1.12 5.77
N SER A 6 -1.65 -0.81 2.32
CA SER A 6 -2.50 0.06 1.45
C SER A 6 -1.60 0.63 0.31
N GLY A 7 -2.09 0.54 -0.92
CA GLY A 7 -1.36 1.05 -2.10
C GLY A 7 -2.11 0.70 -3.39
N LYS A 8 -1.72 -0.43 -4.01
CA LYS A 8 -2.35 -0.93 -5.27
C LYS A 8 -2.01 -2.44 -5.38
N LEU A 9 -0.94 -2.82 -6.11
CA LEU A 9 -0.51 -4.25 -6.26
C LEU A 9 0.35 -4.74 -5.04
N ILE A 10 1.28 -3.92 -4.49
CA ILE A 10 2.12 -4.29 -3.31
C ILE A 10 1.45 -3.73 -2.01
N ASP A 11 1.61 -4.47 -0.90
CA ASP A 11 1.03 -4.09 0.42
C ASP A 11 1.74 -2.88 1.10
N THR A 12 3.00 -3.04 1.55
CA THR A 12 3.76 -1.97 2.23
C THR A 12 4.23 -0.83 1.26
N THR A 13 3.88 0.42 1.61
CA THR A 13 4.25 1.62 0.82
C THR A 13 5.01 2.60 1.76
N ALA A 14 6.36 2.51 1.74
CA ALA A 14 7.24 3.36 2.59
C ALA A 14 7.62 4.66 1.86
N ILE A 2 -1.96 7.02 2.91
CA ILE A 2 -2.39 5.59 2.81
C ILE A 2 -1.71 4.71 3.91
N TRP A 3 -2.52 3.86 4.58
CA TRP A 3 -2.05 2.95 5.65
C TRP A 3 -2.74 1.57 5.57
N GLY A 4 -2.04 0.55 6.10
CA GLY A 4 -2.51 -0.84 6.12
C GLY A 4 -2.24 -1.57 4.80
N SER A 6 -3.25 -0.41 1.04
CA SER A 6 -3.84 0.54 0.07
C SER A 6 -2.67 1.15 -0.75
N GLY A 7 -2.56 0.78 -2.03
CA GLY A 7 -1.50 1.29 -2.91
C GLY A 7 -1.74 0.87 -4.37
N LYS A 8 -1.04 -0.19 -4.82
CA LYS A 8 -1.18 -0.71 -6.22
C LYS A 8 -0.79 -2.21 -6.23
N LEU A 9 0.50 -2.56 -6.47
CA LEU A 9 0.97 -3.98 -6.50
C LEU A 9 1.31 -4.56 -5.09
N ILE A 10 1.98 -3.81 -4.18
CA ILE A 10 2.33 -4.31 -2.81
C ILE A 10 1.29 -3.76 -1.78
N ASP A 11 0.95 -4.59 -0.78
CA ASP A 11 -0.02 -4.21 0.29
C ASP A 11 0.61 -3.23 1.34
N THR A 12 1.64 -3.65 2.10
CA THR A 12 2.30 -2.80 3.15
C THR A 12 2.92 -1.49 2.55
N THR A 13 2.24 -0.36 2.81
CA THR A 13 2.64 0.99 2.31
C THR A 13 2.22 2.02 3.40
N ALA A 14 3.22 2.64 4.04
CA ALA A 14 3.00 3.66 5.10
C ALA A 14 2.80 5.08 4.52
N ILE A 2 -2.09 6.64 3.57
CA ILE A 2 -2.95 5.63 4.23
C ILE A 2 -2.08 4.57 4.98
N TRP A 3 -2.48 4.18 6.20
CA TRP A 3 -1.75 3.15 7.00
C TRP A 3 -2.53 1.81 6.87
N GLY A 4 -1.91 0.87 6.14
CA GLY A 4 -2.49 -0.47 5.90
C GLY A 4 -1.90 -1.16 4.66
N SER A 6 -3.19 -1.02 0.69
CA SER A 6 -4.09 -0.56 -0.40
C SER A 6 -3.27 0.39 -1.30
N GLY A 7 -2.99 -0.04 -2.55
CA GLY A 7 -2.21 0.78 -3.50
C GLY A 7 -2.36 0.24 -4.93
N LYS A 8 -1.47 -0.69 -5.33
CA LYS A 8 -1.51 -1.30 -6.68
C LYS A 8 -0.93 -2.75 -6.58
N LEU A 9 0.39 -2.94 -6.81
CA LEU A 9 1.05 -4.28 -6.73
C LEU A 9 1.70 -4.58 -5.35
N ILE A 10 2.36 -3.62 -4.65
CA ILE A 10 3.00 -3.86 -3.32
C ILE A 10 2.06 -3.39 -2.17
N ASP A 11 2.07 -4.16 -1.06
CA ASP A 11 1.23 -3.86 0.13
C ASP A 11 1.80 -2.78 1.12
N THR A 12 3.13 -2.62 1.31
CA THR A 12 3.71 -1.61 2.24
C THR A 12 3.29 -0.14 1.88
N THR A 13 2.37 0.41 2.69
CA THR A 13 1.80 1.77 2.51
C THR A 13 1.61 2.36 3.94
N ALA A 14 2.40 3.41 4.25
CA ALA A 14 2.35 4.10 5.55
C ALA A 14 2.07 5.61 5.31
N ILE A 2 -3.10 4.38 0.92
CA ILE A 2 -3.59 4.61 2.32
C ILE A 2 -2.92 3.60 3.32
N TRP A 3 -2.74 4.02 4.59
CA TRP A 3 -2.10 3.18 5.66
C TRP A 3 -2.81 1.81 5.90
N GLY A 4 -1.96 0.78 6.00
CA GLY A 4 -2.40 -0.61 6.22
C GLY A 4 -1.89 -1.48 5.05
N SER A 6 -3.18 -1.27 1.06
CA SER A 6 -4.04 -0.81 -0.07
C SER A 6 -3.24 0.29 -0.82
N GLY A 7 -2.83 0.00 -2.06
CA GLY A 7 -2.07 0.96 -2.88
C GLY A 7 -2.09 0.58 -4.37
N LYS A 8 -1.17 -0.29 -4.79
CA LYS A 8 -1.09 -0.75 -6.21
C LYS A 8 -0.56 -2.22 -6.22
N LEU A 9 0.77 -2.43 -6.32
CA LEU A 9 1.39 -3.79 -6.36
C LEU A 9 1.91 -4.30 -4.98
N ILE A 10 2.51 -3.44 -4.10
CA ILE A 10 3.05 -3.86 -2.78
C ILE A 10 2.10 -3.40 -1.63
N ASP A 11 2.06 -4.19 -0.53
CA ASP A 11 1.22 -3.89 0.66
C ASP A 11 1.79 -2.77 1.61
N THR A 12 3.12 -2.64 1.81
CA THR A 12 3.72 -1.62 2.71
C THR A 12 3.38 -0.15 2.31
N THR A 13 2.58 0.53 3.15
CA THR A 13 2.12 1.92 2.93
C THR A 13 2.34 2.70 4.26
N ALA A 14 3.47 3.44 4.33
CA ALA A 14 3.84 4.24 5.52
C ALA A 14 4.34 5.63 5.07
N ILE A 2 -6.66 -8.77 5.14
CA ILE A 2 -5.70 -7.70 5.59
C ILE A 2 -4.76 -7.38 4.40
N TRP A 3 -4.56 -6.06 4.16
CA TRP A 3 -3.69 -5.54 3.07
C TRP A 3 -2.18 -5.49 3.47
N GLY A 4 -1.33 -5.49 2.43
CA GLY A 4 0.14 -5.42 2.56
C GLY A 4 0.70 -4.11 1.98
N SER A 6 2.89 -2.15 -0.19
CA SER A 6 3.70 -2.35 -1.42
C SER A 6 3.01 -1.56 -2.58
N GLY A 7 3.82 -0.79 -3.31
CA GLY A 7 3.31 0.00 -4.45
C GLY A 7 4.44 0.84 -5.05
N LYS A 8 4.56 2.11 -4.61
CA LYS A 8 5.61 3.03 -5.11
C LYS A 8 5.84 4.16 -4.05
N LEU A 9 5.05 5.25 -4.09
CA LEU A 9 5.18 6.39 -3.12
C LEU A 9 4.25 6.31 -1.87
N ILE A 10 3.13 5.56 -1.88
CA ILE A 10 2.20 5.43 -0.72
C ILE A 10 2.06 3.92 -0.33
N ASP A 11 1.96 3.66 0.98
CA ASP A 11 1.83 2.28 1.53
C ASP A 11 0.39 1.68 1.42
N THR A 12 -0.67 2.42 1.81
CA THR A 12 -2.08 1.91 1.76
C THR A 12 -2.67 1.89 0.30
N THR A 13 -2.46 0.77 -0.40
CA THR A 13 -2.94 0.56 -1.79
C THR A 13 -4.33 -0.14 -1.82
N ALA A 14 -4.44 -1.40 -1.36
CA ALA A 14 -5.73 -2.15 -1.33
C ALA A 14 -6.57 -1.80 -0.08
N ILE A 2 -5.29 -9.62 4.98
CA ILE A 2 -4.32 -8.55 5.30
C ILE A 2 -3.60 -8.13 3.98
N TRP A 3 -3.52 -6.81 3.76
CA TRP A 3 -2.87 -6.20 2.57
C TRP A 3 -1.33 -5.98 2.74
N GLY A 4 -0.65 -5.90 1.60
CA GLY A 4 0.81 -5.68 1.53
C GLY A 4 1.18 -4.28 1.01
N SER A 6 3.07 -1.90 -1.09
CA SER A 6 3.87 -1.91 -2.34
C SER A 6 3.17 -1.03 -3.39
N GLY A 7 3.94 -0.12 -4.01
CA GLY A 7 3.41 0.79 -5.05
C GLY A 7 4.46 1.83 -5.45
N LYS A 8 4.42 3.01 -4.82
CA LYS A 8 5.39 4.12 -5.10
C LYS A 8 5.47 5.04 -3.85
N LEU A 9 4.63 6.08 -3.75
CA LEU A 9 4.62 7.04 -2.61
C LEU A 9 3.63 6.64 -1.46
N ILE A 10 2.41 6.15 -1.73
CA ILE A 10 1.42 5.76 -0.67
C ILE A 10 1.49 4.22 -0.46
N ASP A 11 1.50 3.79 0.82
CA ASP A 11 1.55 2.35 1.20
C ASP A 11 0.18 1.60 1.15
N THR A 12 -0.97 2.22 1.50
CA THR A 12 -2.31 1.57 1.50
C THR A 12 -2.75 1.05 0.09
N THR A 13 -2.81 -0.30 -0.05
CA THR A 13 -3.22 -0.98 -1.31
C THR A 13 -4.72 -1.39 -1.27
N ALA A 14 -5.11 -2.38 -0.43
CA ALA A 14 -6.51 -2.83 -0.32
C ALA A 14 -6.91 -2.91 1.18
N ILE A 2 -7.46 -8.25 5.43
CA ILE A 2 -6.32 -7.33 5.71
C ILE A 2 -5.58 -7.06 4.34
N TRP A 3 -5.26 -5.78 4.11
CA TRP A 3 -4.55 -5.32 2.88
C TRP A 3 -3.00 -5.49 2.95
N GLY A 4 -2.39 -5.57 1.76
CA GLY A 4 -0.93 -5.73 1.59
C GLY A 4 -0.23 -4.43 1.14
N SER A 6 2.07 -2.56 -1.01
CA SER A 6 2.73 -2.71 -2.33
C SER A 6 2.16 -1.64 -3.30
N GLY A 7 3.07 -0.96 -4.02
CA GLY A 7 2.68 0.09 -4.98
C GLY A 7 3.92 0.75 -5.59
N LYS A 8 4.38 1.85 -4.97
CA LYS A 8 5.58 2.60 -5.44
C LYS A 8 6.17 3.40 -4.24
N LEU A 9 5.74 4.65 -4.01
CA LEU A 9 6.23 5.50 -2.90
C LEU A 9 5.42 5.34 -1.56
N ILE A 10 4.08 5.21 -1.58
CA ILE A 10 3.25 5.05 -0.35
C ILE A 10 2.80 3.57 -0.19
N ASP A 11 2.74 3.11 1.07
CA ASP A 11 2.30 1.72 1.41
C ASP A 11 0.76 1.49 1.28
N THR A 12 -0.11 2.40 1.78
CA THR A 12 -1.59 2.26 1.70
C THR A 12 -2.11 2.40 0.23
N THR A 13 -2.58 1.26 -0.31
CA THR A 13 -3.10 1.17 -1.71
C THR A 13 -4.47 0.45 -1.70
N ALA A 14 -4.52 -0.88 -1.48
CA ALA A 14 -5.79 -1.65 -1.44
C ALA A 14 -6.59 -1.46 -0.13
N ILE A 2 -7.20 -6.76 6.34
CA ILE A 2 -5.77 -6.64 6.74
C ILE A 2 -4.88 -7.11 5.54
N TRP A 3 -3.91 -6.27 5.19
CA TRP A 3 -2.95 -6.53 4.07
C TRP A 3 -1.56 -5.87 4.35
N GLY A 4 -0.55 -6.24 3.54
CA GLY A 4 0.83 -5.71 3.69
C GLY A 4 1.09 -4.29 3.12
N SER A 6 2.53 -2.68 -0.21
CA SER A 6 2.86 -2.90 -1.63
C SER A 6 2.03 -1.93 -2.51
N GLY A 7 2.70 -1.34 -3.51
CA GLY A 7 2.04 -0.39 -4.43
C GLY A 7 3.07 0.32 -5.32
N LYS A 8 3.53 1.51 -4.88
CA LYS A 8 4.54 2.31 -5.63
C LYS A 8 5.28 3.25 -4.63
N LEU A 9 4.90 4.54 -4.53
CA LEU A 9 5.54 5.51 -3.60
C LEU A 9 4.99 5.40 -2.14
N ILE A 10 3.67 5.27 -1.92
CA ILE A 10 3.07 5.13 -0.56
C ILE A 10 2.86 3.61 -0.26
N ASP A 11 3.01 3.21 1.02
CA ASP A 11 2.83 1.80 1.46
C ASP A 11 1.36 1.28 1.31
N THR A 12 0.39 1.94 1.95
CA THR A 12 -1.05 1.55 1.89
C THR A 12 -1.79 2.29 0.75
N THR A 13 -1.78 1.69 -0.47
CA THR A 13 -2.46 2.24 -1.67
C THR A 13 -4.00 1.94 -1.65
N ALA A 14 -4.41 0.66 -1.60
CA ALA A 14 -5.84 0.26 -1.55
C ALA A 14 -6.47 0.46 -0.16
N ILE A 2 -6.46 -7.71 7.27
CA ILE A 2 -5.15 -8.08 6.66
C ILE A 2 -5.15 -7.57 5.18
N TRP A 3 -4.07 -6.87 4.82
CA TRP A 3 -3.86 -6.30 3.45
C TRP A 3 -2.35 -6.15 3.13
N GLY A 4 -2.04 -6.09 1.83
CA GLY A 4 -0.65 -5.96 1.32
C GLY A 4 -0.22 -4.54 0.94
N SER A 6 2.12 -2.41 -1.01
CA SER A 6 3.04 -2.51 -2.17
C SER A 6 2.45 -1.65 -3.32
N GLY A 7 3.31 -0.80 -3.91
CA GLY A 7 2.91 0.08 -5.02
C GLY A 7 4.11 0.84 -5.58
N LYS A 8 4.45 1.98 -4.96
CA LYS A 8 5.60 2.82 -5.38
C LYS A 8 6.13 3.59 -4.14
N LEU A 9 5.66 4.85 -3.90
CA LEU A 9 6.08 5.67 -2.74
C LEU A 9 5.12 5.53 -1.51
N ILE A 10 3.78 5.54 -1.67
CA ILE A 10 2.82 5.40 -0.54
C ILE A 10 2.40 3.90 -0.36
N ASP A 11 2.14 3.50 0.90
CA ASP A 11 1.72 2.11 1.23
C ASP A 11 0.23 1.78 0.91
N THR A 12 -0.75 2.69 1.14
CA THR A 12 -2.20 2.44 0.88
C THR A 12 -2.53 2.07 -0.61
N THR A 13 -2.81 0.77 -0.82
CA THR A 13 -3.14 0.21 -2.16
C THR A 13 -4.25 -0.87 -2.02
N ALA A 14 -3.96 -2.07 -1.47
CA ALA A 14 -4.96 -3.15 -1.30
C ALA A 14 -5.94 -2.91 -0.13
N ILE A 2 -4.77 -8.44 8.13
CA ILE A 2 -3.69 -8.78 7.15
C ILE A 2 -4.18 -8.34 5.73
N TRP A 3 -3.32 -7.61 5.02
CA TRP A 3 -3.59 -7.09 3.65
C TRP A 3 -2.26 -6.88 2.86
N GLY A 4 -2.40 -6.78 1.52
CA GLY A 4 -1.25 -6.61 0.59
C GLY A 4 -0.80 -5.16 0.37
N SER A 6 1.48 -2.81 -1.52
CA SER A 6 2.26 -2.80 -2.78
C SER A 6 1.79 -1.61 -3.66
N GLY A 7 2.76 -0.91 -4.25
CA GLY A 7 2.48 0.25 -5.12
C GLY A 7 3.79 0.88 -5.59
N LYS A 8 4.26 1.87 -4.82
CA LYS A 8 5.53 2.60 -5.13
C LYS A 8 6.04 3.26 -3.81
N LEU A 9 5.65 4.52 -3.53
CA LEU A 9 6.06 5.25 -2.29
C LEU A 9 5.08 5.01 -1.08
N ILE A 10 3.75 4.96 -1.28
CA ILE A 10 2.77 4.72 -0.18
C ILE A 10 2.27 3.24 -0.22
N ASP A 11 2.03 2.67 0.98
CA ASP A 11 1.55 1.27 1.12
C ASP A 11 0.05 1.06 0.69
N THR A 12 -0.88 1.93 1.09
CA THR A 12 -2.33 1.82 0.73
C THR A 12 -2.59 2.31 -0.73
N THR A 13 -3.20 1.42 -1.55
CA THR A 13 -3.53 1.72 -2.97
C THR A 13 -4.98 1.24 -3.22
N ALA A 14 -5.95 2.17 -3.14
CA ALA A 14 -7.39 1.87 -3.35
C ALA A 14 -7.80 2.03 -4.83
N ILE A 2 -4.31 -6.16 8.13
CA ILE A 2 -2.96 -6.34 7.52
C ILE A 2 -3.14 -7.07 6.15
N TRP A 3 -2.51 -6.53 5.11
CA TRP A 3 -2.55 -7.07 3.72
C TRP A 3 -1.22 -6.76 2.96
N GLY A 4 -1.11 -7.26 1.71
CA GLY A 4 0.08 -7.07 0.85
C GLY A 4 0.41 -5.61 0.46
N SER A 6 1.95 -3.06 -1.77
CA SER A 6 2.38 -2.95 -3.18
C SER A 6 1.66 -1.73 -3.83
N GLY A 7 2.45 -0.89 -4.50
CA GLY A 7 1.91 0.31 -5.18
C GLY A 7 3.06 1.12 -5.80
N LYS A 8 3.53 2.15 -5.06
CA LYS A 8 4.64 3.03 -5.53
C LYS A 8 5.20 3.77 -4.27
N LEU A 9 4.68 4.97 -3.95
CA LEU A 9 5.13 5.76 -2.75
C LEU A 9 4.40 5.32 -1.44
N ILE A 10 3.08 5.02 -1.45
CA ILE A 10 2.33 4.56 -0.24
C ILE A 10 2.10 3.03 -0.33
N ASP A 11 2.09 2.35 0.83
CA ASP A 11 1.90 0.89 0.93
C ASP A 11 0.42 0.42 0.70
N THR A 12 -0.55 0.91 1.49
CA THR A 12 -1.98 0.53 1.38
C THR A 12 -2.69 1.28 0.21
N THR A 13 -2.92 0.57 -0.92
CA THR A 13 -3.60 1.12 -2.11
C THR A 13 -5.11 0.72 -2.06
N ALA A 14 -5.90 1.47 -1.28
CA ALA A 14 -7.35 1.23 -1.10
C ALA A 14 -8.07 2.57 -0.86
N ILE A 2 5.57 -6.92 2.80
CA ILE A 2 4.35 -6.43 2.11
C ILE A 2 4.12 -7.21 0.78
N TRP A 3 2.84 -7.51 0.49
CA TRP A 3 2.44 -8.27 -0.73
C TRP A 3 1.23 -7.55 -1.40
N GLY A 4 1.44 -7.05 -2.63
CA GLY A 4 0.39 -6.34 -3.38
C GLY A 4 0.34 -4.81 -3.14
N SER A 6 -1.91 -1.85 -2.33
CA SER A 6 -3.23 -1.52 -1.75
C SER A 6 -2.99 -0.67 -0.47
N GLY A 7 -3.66 0.49 -0.40
CA GLY A 7 -3.54 1.41 0.75
C GLY A 7 -4.49 2.60 0.56
N LYS A 8 -3.96 3.69 -0.03
CA LYS A 8 -4.75 4.93 -0.31
C LYS A 8 -4.02 5.69 -1.45
N LEU A 9 -3.14 6.67 -1.12
CA LEU A 9 -2.37 7.45 -2.13
C LEU A 9 -0.99 6.81 -2.52
N ILE A 10 -0.37 5.98 -1.67
CA ILE A 10 0.93 5.30 -1.95
C ILE A 10 0.64 3.78 -2.03
N ASP A 11 1.32 3.14 -3.01
CA ASP A 11 1.22 1.68 -3.25
C ASP A 11 1.96 0.80 -2.18
N THR A 12 3.12 1.23 -1.63
CA THR A 12 3.88 0.45 -0.61
C THR A 12 3.24 0.67 0.80
N THR A 13 2.21 -0.14 1.09
CA THR A 13 1.44 -0.07 2.38
C THR A 13 1.09 -1.53 2.80
N ALA A 14 0.12 -2.19 2.12
CA ALA A 14 -0.29 -3.59 2.43
C ALA A 14 -0.36 -4.37 1.11
N ILE A 2 -8.26 -3.44 4.16
CA ILE A 2 -9.06 -3.68 2.92
C ILE A 2 -9.08 -2.37 2.08
N TRP A 3 -8.12 -2.27 1.16
CA TRP A 3 -7.95 -1.09 0.25
C TRP A 3 -7.29 -1.51 -1.10
N GLY A 4 -7.00 -0.52 -1.97
CA GLY A 4 -6.35 -0.76 -3.28
C GLY A 4 -4.80 -0.91 -3.18
N SER A 6 -1.74 1.87 -3.97
CA SER A 6 -1.25 3.20 -4.41
C SER A 6 -0.49 3.86 -3.22
N GLY A 7 0.84 3.89 -3.29
CA GLY A 7 1.68 4.49 -2.23
C GLY A 7 3.07 4.85 -2.76
N LYS A 8 4.03 3.91 -2.63
CA LYS A 8 5.42 4.13 -3.11
C LYS A 8 6.09 2.76 -3.44
N LEU A 9 6.81 2.13 -2.49
CA LEU A 9 7.51 0.83 -2.72
C LEU A 9 6.69 -0.45 -2.35
N ILE A 10 5.71 -0.39 -1.41
CA ILE A 10 4.89 -1.58 -1.01
C ILE A 10 3.39 -1.21 -1.25
N ASP A 11 2.68 -2.21 -1.79
CA ASP A 11 1.23 -2.12 -2.08
C ASP A 11 0.32 -2.19 -0.82
N THR A 12 0.57 -3.08 0.16
CA THR A 12 -0.27 -3.19 1.40
C THR A 12 0.41 -2.35 2.53
N THR A 13 -0.09 -1.11 2.74
CA THR A 13 0.44 -0.17 3.77
C THR A 13 -0.73 0.43 4.60
N ALA A 14 -1.49 1.41 4.06
CA ALA A 14 -2.61 2.05 4.79
C ALA A 14 -3.94 1.26 4.64
#